data_7Q9H
#
_entry.id   7Q9H
#
_cell.length_a   94.51
_cell.length_b   94.51
_cell.length_c   124.78
_cell.angle_alpha   90.00
_cell.angle_beta   90.00
_cell.angle_gamma   90.00
#
_symmetry.space_group_name_H-M   'P 43 21 2'
#
loop_
_entity.id
_entity.type
_entity.pdbx_description
1 polymer 'Cathepsin L2'
2 polymer 'LLKAVAEKQ Peptide'
3 non-polymer 'CHLORIDE ION'
4 non-polymer (4S)-2-METHYL-2,4-PENTANEDIOL
5 non-polymer GLYCEROL
6 water water
#
loop_
_entity_poly.entity_id
_entity_poly.type
_entity_poly.pdbx_seq_one_letter_code
_entity_poly.pdbx_strand_id
1 'polypeptide(L)'
;LPKSVDWRKKGYVTPVKNQKQCGSAWAFSATGALEGQMFRKTGKLVSLSEQNLVDCSRPQGNQGCNGGFMARAFQYVKEN
GGLDSEESYPYVAVDEICKYRPENSVAQDTGFTVVAPGKEKALMKAVATVGPISVAMDAGHSSFQFYKSGIYFEPDCSSK
NLDHGVLVVGYGFEGANSQNSKYWLVKNSWGPEWGSNGYVKIAKDKNNHCGIATAASYPNV
;
AA,BA
2 'polypeptide(L)' (ACE)LLKAVAEKQ(NH2) PAA,PAC,PB
#
loop_
_chem_comp.id
_chem_comp.type
_chem_comp.name
_chem_comp.formula
ACE non-polymer 'ACETYL GROUP' 'C2 H4 O'
CL non-polymer 'CHLORIDE ION' 'Cl -1'
GOL non-polymer GLYCEROL 'C3 H8 O3'
MPD non-polymer (4S)-2-METHYL-2,4-PENTANEDIOL 'C6 H14 O2'
NH2 non-polymer 'AMINO GROUP' 'H2 N'
#
# COMPACT_ATOMS: atom_id res chain seq x y z
N LEU A 1 15.63 3.08 -18.56
CA LEU A 1 14.89 2.81 -17.33
C LEU A 1 13.39 2.67 -17.50
N PRO A 2 12.68 1.97 -16.56
CA PRO A 2 11.22 1.86 -16.70
C PRO A 2 10.51 3.21 -16.65
N LYS A 3 9.32 3.31 -17.30
CA LYS A 3 8.54 4.55 -17.25
C LYS A 3 7.95 4.77 -15.85
N SER A 4 7.77 3.66 -15.11
CA SER A 4 7.22 3.73 -13.77
C SER A 4 7.64 2.50 -13.01
N VAL A 5 7.72 2.65 -11.65
CA VAL A 5 8.15 1.59 -10.71
C VAL A 5 7.33 1.69 -9.44
N ASP A 6 6.93 0.54 -8.90
CA ASP A 6 6.24 0.54 -7.61
C ASP A 6 6.57 -0.76 -6.86
N TRP A 7 7.59 -0.70 -5.95
CA TRP A 7 8.00 -1.90 -5.23
C TRP A 7 6.93 -2.46 -4.27
N ARG A 8 5.92 -1.67 -3.89
CA ARG A 8 4.84 -2.16 -3.04
C ARG A 8 4.08 -3.30 -3.74
N LYS A 9 4.02 -3.24 -5.06
CA LYS A 9 3.29 -4.22 -5.87
C LYS A 9 4.05 -5.53 -6.05
N LYS A 10 5.30 -5.60 -5.59
CA LYS A 10 6.13 -6.77 -5.70
C LYS A 10 6.48 -7.44 -4.35
N GLY A 11 5.93 -6.86 -3.25
CA GLY A 11 6.09 -7.52 -1.94
C GLY A 11 7.24 -7.02 -1.10
N TYR A 12 7.98 -6.01 -1.57
CA TYR A 12 9.15 -5.42 -0.90
C TYR A 12 8.87 -4.49 0.31
N VAL A 13 7.63 -4.06 0.47
CA VAL A 13 7.36 -3.02 1.46
C VAL A 13 6.37 -3.41 2.56
N THR A 14 6.75 -3.17 3.80
CA THR A 14 5.90 -3.45 4.95
C THR A 14 4.77 -2.43 5.13
N PRO A 15 3.74 -2.72 5.91
CA PRO A 15 2.69 -1.72 6.14
C PRO A 15 3.26 -0.48 6.77
N VAL A 16 2.51 0.64 6.63
CA VAL A 16 2.95 1.92 7.18
C VAL A 16 3.06 1.93 8.66
N LYS A 17 4.14 2.46 9.22
CA LYS A 17 4.40 2.55 10.65
C LYS A 17 4.22 3.96 11.17
N ASN A 18 4.27 4.15 12.46
CA ASN A 18 4.05 5.45 13.08
C ASN A 18 5.13 5.73 14.15
N GLN A 19 6.02 6.67 13.90
CA GLN A 19 7.08 7.07 14.82
C GLN A 19 6.57 7.75 16.10
N LYS A 20 5.35 8.25 16.06
CA LYS A 20 4.75 8.98 17.18
C LYS A 20 5.60 10.16 17.57
N GLN A 21 5.61 10.53 18.87
CA GLN A 21 6.38 11.68 19.30
C GLN A 21 7.79 11.38 19.69
N CYS A 22 8.56 11.03 18.67
CA CYS A 22 9.96 10.69 18.76
C CYS A 22 10.58 11.06 17.42
N GLY A 23 11.73 11.73 17.45
CA GLY A 23 12.47 12.16 16.23
C GLY A 23 13.25 11.02 15.58
N SER A 24 12.56 9.93 15.26
CA SER A 24 13.18 8.71 14.73
C SER A 24 12.88 8.38 13.26
N ALA A 25 12.46 9.38 12.49
CA ALA A 25 12.15 9.05 11.07
C ALA A 25 13.35 8.48 10.35
N TRP A 26 14.58 8.90 10.70
CA TRP A 26 15.77 8.35 10.10
C TRP A 26 15.85 6.81 10.26
N ALA A 27 15.36 6.29 11.44
CA ALA A 27 15.38 4.85 11.72
C ALA A 27 14.31 4.13 10.86
N PHE A 28 13.13 4.77 10.72
CA PHE A 28 12.12 4.14 9.85
C PHE A 28 12.53 4.10 8.38
N SER A 29 13.22 5.15 7.89
CA SER A 29 13.72 5.19 6.51
C SER A 29 14.73 4.03 6.36
N ALA A 30 15.66 3.88 7.34
CA ALA A 30 16.65 2.83 7.23
C ALA A 30 16.05 1.41 7.32
N THR A 31 15.08 1.18 8.25
CA THR A 31 14.49 -0.16 8.27
C THR A 31 13.75 -0.43 6.98
N GLY A 32 13.07 0.62 6.44
CA GLY A 32 12.35 0.39 5.15
C GLY A 32 13.25 -0.09 4.01
N ALA A 33 14.41 0.59 3.89
CA ALA A 33 15.36 0.20 2.86
C ALA A 33 15.93 -1.21 3.10
N LEU A 34 16.25 -1.54 4.38
N LEU A 34 16.24 -1.55 4.38
CA LEU A 34 16.78 -2.87 4.70
CA LEU A 34 16.76 -2.86 4.73
C LEU A 34 15.69 -3.95 4.52
C LEU A 34 15.71 -3.95 4.49
N GLU A 35 14.42 -3.62 4.82
CA GLU A 35 13.37 -4.58 4.58
C GLU A 35 13.28 -4.96 3.09
N GLY A 36 13.44 -3.95 2.17
CA GLY A 36 13.43 -4.22 0.72
C GLY A 36 14.54 -5.13 0.27
N GLN A 37 15.73 -4.78 0.74
CA GLN A 37 16.89 -5.58 0.33
C GLN A 37 16.91 -6.96 0.88
N MET A 38 16.46 -7.15 2.13
CA MET A 38 16.39 -8.51 2.65
C MET A 38 15.35 -9.34 1.91
N PHE A 39 14.25 -8.70 1.47
CA PHE A 39 13.27 -9.43 0.69
C PHE A 39 13.86 -9.85 -0.71
N ARG A 40 14.68 -8.96 -1.36
CA ARG A 40 15.29 -9.22 -2.66
C ARG A 40 16.24 -10.37 -2.58
N LYS A 41 16.87 -10.51 -1.36
CA LYS A 41 17.84 -11.59 -1.12
C LYS A 41 17.25 -12.92 -0.73
N THR A 42 16.19 -12.91 0.05
CA THR A 42 15.59 -14.14 0.61
C THR A 42 14.17 -14.53 0.24
N GLY A 43 13.42 -13.59 -0.31
CA GLY A 43 12.00 -13.91 -0.52
C GLY A 43 11.02 -13.76 0.65
N LYS A 44 11.54 -13.31 1.82
CA LYS A 44 10.75 -13.15 3.00
C LYS A 44 10.69 -11.71 3.49
N LEU A 45 9.50 -11.21 3.70
CA LEU A 45 9.31 -9.84 4.18
C LEU A 45 9.17 -9.87 5.67
N VAL A 46 10.12 -9.26 6.40
CA VAL A 46 10.10 -9.27 7.87
C VAL A 46 10.26 -7.85 8.42
N SER A 47 9.30 -7.41 9.23
CA SER A 47 9.41 -6.08 9.80
C SER A 47 10.63 -5.97 10.71
N LEU A 48 11.43 -4.93 10.54
CA LEU A 48 12.65 -4.70 11.30
C LEU A 48 12.47 -3.70 12.43
N SER A 49 13.36 -3.76 13.43
CA SER A 49 13.33 -2.93 14.63
C SER A 49 13.95 -1.54 14.61
N GLU A 50 13.07 -0.49 14.55
CA GLU A 50 13.54 0.89 14.62
C GLU A 50 14.08 1.15 16.05
N GLN A 51 13.46 0.48 17.07
CA GLN A 51 13.88 0.71 18.45
C GLN A 51 15.34 0.26 18.64
N ASN A 52 15.74 -0.81 17.95
CA ASN A 52 17.10 -1.32 18.06
C ASN A 52 18.04 -0.23 17.57
N LEU A 53 17.65 0.49 16.48
CA LEU A 53 18.48 1.56 15.95
C LEU A 53 18.48 2.77 16.89
N VAL A 54 17.30 3.13 17.41
CA VAL A 54 17.20 4.28 18.33
C VAL A 54 18.10 4.11 19.59
N ASP A 55 17.98 2.93 20.22
CA ASP A 55 18.73 2.68 21.45
C ASP A 55 20.19 2.38 21.33
N CYS A 56 20.63 1.82 20.18
CA CYS A 56 22.02 1.36 20.03
C CYS A 56 22.97 2.04 19.13
N SER A 57 22.51 3.01 18.30
CA SER A 57 23.46 3.61 17.35
C SER A 57 24.05 4.96 17.69
N ARG A 58 24.05 5.31 18.96
CA ARG A 58 24.68 6.55 19.41
C ARG A 58 26.21 6.62 19.02
N PRO A 59 26.97 5.53 19.16
CA PRO A 59 28.40 5.58 18.81
C PRO A 59 28.72 6.01 17.38
N GLN A 60 27.81 5.66 16.45
CA GLN A 60 27.92 5.99 15.04
C GLN A 60 27.47 7.42 14.71
N GLY A 61 27.02 8.21 15.71
CA GLY A 61 26.59 9.53 15.39
C GLY A 61 25.10 9.83 15.48
N ASN A 62 24.27 8.83 15.74
CA ASN A 62 22.83 9.04 15.85
C ASN A 62 22.47 9.52 17.28
N GLN A 63 21.32 10.18 17.41
CA GLN A 63 20.86 10.74 18.68
C GLN A 63 19.50 10.25 19.06
N GLY A 64 19.13 9.00 18.72
CA GLY A 64 17.82 8.52 19.18
C GLY A 64 16.65 9.29 18.69
N CYS A 65 15.77 9.64 19.67
CA CYS A 65 14.54 10.42 19.41
C CYS A 65 14.88 11.89 19.13
N ASN A 66 16.15 12.27 19.21
N ASN A 66 16.17 12.23 19.17
CA ASN A 66 16.54 13.66 18.89
CA ASN A 66 16.56 13.60 18.85
C ASN A 66 17.11 13.78 17.46
C ASN A 66 17.13 13.75 17.47
N GLY A 67 17.03 12.74 16.63
CA GLY A 67 17.59 12.87 15.28
C GLY A 67 18.63 11.84 14.92
N GLY A 68 18.95 11.73 13.63
CA GLY A 68 19.91 10.74 13.15
C GLY A 68 19.97 10.80 11.65
N PHE A 69 20.81 9.88 11.14
CA PHE A 69 21.00 9.75 9.71
C PHE A 69 20.98 8.31 9.28
N MET A 70 20.36 8.05 8.09
CA MET A 70 20.25 6.68 7.57
C MET A 70 21.58 5.99 7.30
N ALA A 71 22.59 6.76 6.78
CA ALA A 71 23.90 6.14 6.47
C ALA A 71 24.56 5.67 7.77
N ARG A 72 24.35 6.47 8.87
CA ARG A 72 24.90 6.11 10.19
C ARG A 72 24.23 4.85 10.72
N ALA A 73 22.92 4.64 10.38
CA ALA A 73 22.23 3.45 10.79
C ALA A 73 22.77 2.23 10.01
N PHE A 74 23.01 2.41 8.67
CA PHE A 74 23.58 1.27 7.94
C PHE A 74 25.02 0.95 8.43
N GLN A 75 25.78 1.96 8.84
CA GLN A 75 27.11 1.79 9.42
C GLN A 75 26.99 1.00 10.70
N TYR A 76 25.98 1.31 11.56
CA TYR A 76 25.79 0.54 12.78
C TYR A 76 25.47 -0.90 12.48
N VAL A 77 24.56 -1.15 11.50
CA VAL A 77 24.23 -2.54 11.24
C VAL A 77 25.45 -3.34 10.78
N LYS A 78 26.33 -2.72 9.94
CA LYS A 78 27.56 -3.36 9.45
C LYS A 78 28.49 -3.66 10.63
N GLU A 79 28.79 -2.63 11.45
CA GLU A 79 29.71 -2.81 12.57
C GLU A 79 29.21 -3.73 13.60
N ASN A 80 27.88 -3.75 13.81
CA ASN A 80 27.21 -4.61 14.79
C ASN A 80 27.03 -6.06 14.39
N GLY A 81 27.02 -6.34 13.07
CA GLY A 81 26.79 -7.70 12.70
C GLY A 81 25.37 -8.19 12.53
N GLY A 82 24.40 -7.28 12.73
CA GLY A 82 23.03 -7.73 12.77
C GLY A 82 22.02 -6.64 13.17
N LEU A 83 20.71 -6.94 13.02
CA LEU A 83 19.61 -6.04 13.39
C LEU A 83 18.42 -6.93 13.75
N ASP A 84 17.80 -6.68 14.89
CA ASP A 84 16.65 -7.47 15.31
C ASP A 84 15.30 -7.22 14.61
N SER A 85 14.37 -8.14 14.70
CA SER A 85 13.00 -7.97 14.15
C SER A 85 12.17 -7.05 15.03
N GLU A 86 11.10 -6.41 14.47
CA GLU A 86 10.21 -5.58 15.25
C GLU A 86 9.57 -6.44 16.31
N GLU A 87 9.24 -7.70 15.96
N GLU A 87 9.20 -7.67 15.99
CA GLU A 87 8.60 -8.55 16.95
CA GLU A 87 8.55 -8.51 16.97
C GLU A 87 9.44 -8.79 18.18
C GLU A 87 9.42 -8.80 18.19
N SER A 88 10.73 -8.97 17.97
CA SER A 88 11.62 -9.25 19.11
C SER A 88 12.10 -8.04 19.87
N TYR A 89 12.08 -6.86 19.24
CA TYR A 89 12.60 -5.63 19.84
C TYR A 89 11.54 -4.56 19.46
N PRO A 90 10.38 -4.52 20.07
CA PRO A 90 9.30 -3.57 19.75
C PRO A 90 9.57 -2.11 19.97
N TYR A 91 8.85 -1.30 19.14
CA TYR A 91 8.91 0.15 19.13
C TYR A 91 8.11 0.83 20.27
N VAL A 92 8.78 1.67 21.07
CA VAL A 92 8.07 2.37 22.15
C VAL A 92 8.16 3.88 22.11
N ALA A 93 8.82 4.42 21.05
CA ALA A 93 8.95 5.86 20.83
C ALA A 93 9.59 6.70 21.93
N VAL A 94 10.60 6.15 22.63
CA VAL A 94 11.35 6.86 23.64
C VAL A 94 12.76 6.24 23.65
N ASP A 95 13.78 6.98 24.09
CA ASP A 95 15.15 6.45 24.16
C ASP A 95 15.29 5.47 25.27
N GLU A 96 15.74 4.26 25.02
CA GLU A 96 15.89 3.25 26.08
C GLU A 96 17.24 2.55 26.03
N ILE A 97 17.49 1.59 26.96
CA ILE A 97 18.72 0.79 27.03
C ILE A 97 18.87 -0.07 25.80
N CYS A 98 20.09 -0.12 25.23
CA CYS A 98 20.32 -0.98 24.09
C CYS A 98 20.14 -2.44 24.49
N LYS A 99 19.20 -3.16 23.85
CA LYS A 99 18.90 -4.54 24.13
C LYS A 99 19.13 -5.43 22.88
N TYR A 100 20.17 -5.09 22.09
CA TYR A 100 20.44 -5.90 20.90
C TYR A 100 20.79 -7.34 21.25
N ARG A 101 20.13 -8.31 20.58
CA ARG A 101 20.34 -9.72 20.79
C ARG A 101 20.68 -10.40 19.50
N PRO A 102 21.93 -10.90 19.36
CA PRO A 102 22.30 -11.55 18.11
C PRO A 102 21.40 -12.72 17.68
N GLU A 103 20.84 -13.48 18.62
CA GLU A 103 19.98 -14.63 18.32
C GLU A 103 18.65 -14.24 17.64
N ASN A 104 18.29 -12.94 17.75
CA ASN A 104 17.05 -12.43 17.15
C ASN A 104 17.28 -11.65 15.88
N SER A 105 18.53 -11.62 15.40
CA SER A 105 18.81 -10.89 14.17
C SER A 105 18.20 -11.53 12.94
N VAL A 106 17.62 -10.68 12.06
CA VAL A 106 17.02 -11.15 10.81
C VAL A 106 17.53 -10.33 9.63
N ALA A 107 18.56 -9.52 9.83
CA ALA A 107 19.11 -8.72 8.75
C ALA A 107 20.60 -8.36 8.95
N GLN A 108 21.32 -8.14 7.85
CA GLN A 108 22.72 -7.77 7.88
C GLN A 108 23.02 -6.88 6.71
N ASP A 109 24.09 -6.08 6.79
CA ASP A 109 24.60 -5.28 5.65
C ASP A 109 26.14 -5.13 5.74
N THR A 110 26.78 -4.95 4.60
CA THR A 110 28.25 -4.82 4.53
C THR A 110 28.70 -3.40 4.38
N GLY A 111 27.74 -2.46 4.48
CA GLY A 111 28.04 -1.07 4.19
C GLY A 111 26.79 -0.52 3.46
N PHE A 112 27.01 0.53 2.71
CA PHE A 112 25.94 1.22 1.98
C PHE A 112 26.49 1.94 0.78
N THR A 113 25.57 2.20 -0.16
CA THR A 113 25.87 2.90 -1.41
C THR A 113 25.21 4.27 -1.41
N VAL A 114 25.92 5.29 -1.79
CA VAL A 114 25.36 6.64 -1.88
C VAL A 114 24.95 6.97 -3.30
N VAL A 115 23.81 7.64 -3.48
CA VAL A 115 23.36 8.09 -4.79
C VAL A 115 24.05 9.44 -4.98
N ALA A 116 24.46 9.78 -6.21
CA ALA A 116 25.14 11.06 -6.36
C ALA A 116 24.25 12.23 -5.89
N PRO A 117 24.77 13.09 -4.98
CA PRO A 117 23.88 14.18 -4.54
C PRO A 117 23.30 15.13 -5.56
N GLY A 118 22.01 15.41 -5.43
CA GLY A 118 21.39 16.32 -6.33
C GLY A 118 20.93 15.70 -7.62
N LYS A 119 21.29 14.39 -7.84
CA LYS A 119 20.91 13.91 -9.15
C LYS A 119 19.60 13.13 -9.23
N GLU A 120 18.50 13.73 -9.65
CA GLU A 120 17.24 13.00 -9.77
C GLU A 120 17.36 11.83 -10.76
N LYS A 121 18.19 11.96 -11.85
CA LYS A 121 18.31 10.82 -12.76
C LYS A 121 19.08 9.66 -12.11
N ALA A 122 20.06 9.99 -11.21
CA ALA A 122 20.79 8.94 -10.51
C ALA A 122 19.84 8.24 -9.50
N LEU A 123 18.93 9.03 -8.86
CA LEU A 123 17.98 8.44 -7.90
C LEU A 123 17.04 7.49 -8.67
N MET A 124 16.59 7.94 -9.89
CA MET A 124 15.70 7.12 -10.72
C MET A 124 16.38 5.79 -11.06
N LYS A 125 17.69 5.82 -11.40
CA LYS A 125 18.37 4.57 -11.70
C LYS A 125 18.44 3.62 -10.50
N ALA A 126 18.75 4.19 -9.30
CA ALA A 126 18.82 3.37 -8.10
C ALA A 126 17.46 2.74 -7.73
N VAL A 127 16.36 3.52 -7.80
CA VAL A 127 15.03 2.97 -7.50
C VAL A 127 14.68 1.83 -8.48
N ALA A 128 14.95 2.05 -9.79
CA ALA A 128 14.62 1.02 -10.77
C ALA A 128 15.44 -0.25 -10.69
N THR A 129 16.71 -0.15 -10.29
CA THR A 129 17.58 -1.33 -10.28
C THR A 129 17.77 -2.05 -9.00
N VAL A 130 17.55 -1.33 -7.85
CA VAL A 130 17.80 -1.88 -6.53
C VAL A 130 16.60 -2.27 -5.67
N GLY A 131 15.66 -1.32 -5.54
CA GLY A 131 14.55 -1.47 -4.61
C GLY A 131 14.24 -0.15 -3.92
N PRO A 132 13.51 -0.14 -2.86
CA PRO A 132 13.21 1.12 -2.16
C PRO A 132 14.54 1.83 -1.68
N ILE A 133 14.61 3.15 -1.72
CA ILE A 133 15.82 3.90 -1.38
C ILE A 133 15.58 4.86 -0.22
N SER A 134 16.51 4.91 0.74
CA SER A 134 16.39 5.89 1.83
C SER A 134 16.67 7.30 1.33
N VAL A 135 15.87 8.33 1.71
CA VAL A 135 16.16 9.69 1.26
C VAL A 135 15.84 10.72 2.33
N ALA A 136 16.51 11.85 2.32
CA ALA A 136 16.20 12.93 3.22
C ALA A 136 15.30 13.92 2.46
N MET A 137 14.45 14.67 3.19
CA MET A 137 13.61 15.71 2.57
C MET A 137 13.32 16.82 3.57
N ASP A 138 12.79 17.92 3.06
CA ASP A 138 12.34 19.04 3.87
C ASP A 138 10.82 18.84 4.05
N ALA A 139 10.41 18.33 5.22
CA ALA A 139 9.00 18.08 5.54
C ALA A 139 8.41 19.10 6.46
N GLY A 140 9.21 20.09 6.88
CA GLY A 140 8.76 21.15 7.81
C GLY A 140 7.75 22.13 7.27
N HIS A 141 6.58 21.69 6.78
CA HIS A 141 5.59 22.60 6.20
C HIS A 141 4.17 22.19 6.54
N SER A 142 3.26 23.16 6.83
CA SER A 142 1.90 22.78 7.13
C SER A 142 1.24 22.11 5.96
N SER A 143 1.64 22.50 4.72
CA SER A 143 1.07 21.90 3.50
C SER A 143 1.40 20.39 3.47
N PHE A 144 2.59 20.01 4.03
CA PHE A 144 2.94 18.59 4.04
C PHE A 144 2.18 17.85 5.15
N GLN A 145 2.04 18.51 6.30
CA GLN A 145 1.29 17.92 7.38
C GLN A 145 -0.11 17.57 6.95
N PHE A 146 -0.73 18.46 6.15
CA PHE A 146 -2.07 18.23 5.68
C PHE A 146 -2.28 17.72 4.30
N TYR A 147 -1.22 17.15 3.73
CA TYR A 147 -1.32 16.57 2.42
C TYR A 147 -2.36 15.47 2.36
N LYS A 148 -3.10 15.39 1.25
N LYS A 148 -3.06 15.36 1.23
CA LYS A 148 -4.04 14.31 1.09
CA LYS A 148 -4.01 14.28 1.09
C LYS A 148 -4.02 13.69 -0.30
C LYS A 148 -4.02 13.68 -0.31
N SER A 149 -3.97 14.51 -1.37
CA SER A 149 -4.00 14.01 -2.76
C SER A 149 -3.17 14.84 -3.73
N GLY A 150 -2.86 14.30 -4.93
CA GLY A 150 -2.14 15.13 -5.89
C GLY A 150 -0.66 15.04 -5.80
N ILE A 151 0.01 15.70 -6.74
CA ILE A 151 1.45 15.74 -6.77
C ILE A 151 1.85 16.89 -5.86
N TYR A 152 2.51 16.61 -4.75
CA TYR A 152 2.92 17.65 -3.81
C TYR A 152 4.00 18.57 -4.37
N PHE A 153 3.71 19.88 -4.28
CA PHE A 153 4.63 20.92 -4.70
C PHE A 153 4.42 22.05 -3.73
N GLU A 154 5.49 22.47 -3.08
CA GLU A 154 5.48 23.55 -2.12
C GLU A 154 6.60 24.56 -2.39
N PRO A 155 6.22 25.81 -2.71
CA PRO A 155 7.25 26.85 -2.97
C PRO A 155 8.25 27.05 -1.87
N ASP A 156 7.77 26.89 -0.63
CA ASP A 156 8.64 27.07 0.51
C ASP A 156 9.67 25.98 0.70
N CYS A 157 9.54 24.87 -0.04
CA CYS A 157 10.51 23.75 0.11
C CYS A 157 11.94 24.03 -0.23
N SER A 158 12.87 23.56 0.59
CA SER A 158 14.29 23.70 0.38
C SER A 158 14.87 22.40 -0.20
N SER A 159 15.85 22.49 -1.07
CA SER A 159 16.50 21.30 -1.62
C SER A 159 17.80 21.05 -0.83
N LYS A 160 18.16 21.98 0.08
CA LYS A 160 19.39 21.87 0.84
C LYS A 160 19.27 21.74 2.32
N ASN A 161 18.30 22.41 2.95
CA ASN A 161 18.16 22.31 4.40
C ASN A 161 17.02 21.37 4.67
N LEU A 162 17.40 20.15 4.99
CA LEU A 162 16.43 19.07 5.22
C LEU A 162 16.25 18.67 6.65
N ASP A 163 15.08 18.03 6.99
CA ASP A 163 14.80 17.67 8.38
C ASP A 163 14.08 16.37 8.58
N HIS A 164 13.94 15.54 7.55
CA HIS A 164 13.14 14.33 7.74
C HIS A 164 13.61 13.18 6.84
N GLY A 165 13.60 11.95 7.32
CA GLY A 165 14.00 10.77 6.52
C GLY A 165 12.75 10.07 6.05
N VAL A 166 12.67 9.65 4.79
CA VAL A 166 11.56 8.90 4.21
C VAL A 166 12.08 7.86 3.27
N LEU A 167 11.15 7.10 2.66
CA LEU A 167 11.51 6.00 1.78
C LEU A 167 10.92 6.13 0.37
N VAL A 168 11.74 6.21 -0.69
CA VAL A 168 11.23 6.24 -2.05
C VAL A 168 10.99 4.80 -2.47
N VAL A 169 9.69 4.48 -2.70
CA VAL A 169 9.31 3.11 -3.08
C VAL A 169 9.03 2.96 -4.59
N GLY A 170 9.15 4.06 -5.36
CA GLY A 170 8.80 3.99 -6.77
C GLY A 170 8.75 5.38 -7.34
N TYR A 171 8.26 5.45 -8.61
CA TYR A 171 8.03 6.72 -9.34
C TYR A 171 7.00 6.43 -10.44
N GLY A 172 6.37 7.48 -10.88
CA GLY A 172 5.30 7.35 -11.86
C GLY A 172 5.04 8.69 -12.56
N PHE A 173 3.85 8.72 -13.19
CA PHE A 173 3.42 9.87 -13.97
C PHE A 173 1.96 9.82 -14.10
N GLU A 174 1.37 11.00 -14.23
N GLU A 174 1.42 11.06 -14.31
CA GLU A 174 -0.06 11.06 -14.44
CA GLU A 174 0.00 11.22 -14.56
C GLU A 174 -0.29 11.14 -15.91
C GLU A 174 -0.26 11.17 -16.01
N GLY A 175 -1.44 10.71 -16.41
CA GLY A 175 -1.60 10.84 -17.86
C GLY A 175 -1.03 9.75 -18.73
N ALA A 176 -1.05 9.98 -20.05
CA ALA A 176 -0.52 9.04 -21.01
C ALA A 176 0.93 9.37 -21.33
N ASN A 177 1.38 10.62 -21.11
CA ASN A 177 2.76 10.96 -21.42
C ASN A 177 3.70 10.67 -20.24
N SER A 178 4.61 9.74 -20.42
CA SER A 178 5.51 9.36 -19.31
C SER A 178 6.53 10.41 -18.99
N GLN A 179 6.64 11.40 -19.90
CA GLN A 179 7.64 12.49 -19.79
C GLN A 179 7.25 13.78 -19.15
N ASN A 180 6.06 13.86 -18.61
CA ASN A 180 5.58 15.00 -17.85
C ASN A 180 4.66 14.60 -16.73
N SER A 181 4.35 15.55 -15.84
CA SER A 181 3.53 15.29 -14.64
C SER A 181 4.03 14.07 -13.82
N LYS A 182 5.35 14.06 -13.66
CA LYS A 182 6.03 12.98 -12.95
C LYS A 182 6.04 13.16 -11.43
N TYR A 183 6.18 12.01 -10.75
CA TYR A 183 6.27 12.01 -9.30
C TYR A 183 7.06 10.86 -8.72
N TRP A 184 7.56 11.12 -7.46
CA TRP A 184 8.21 10.11 -6.63
C TRP A 184 7.14 9.53 -5.71
N LEU A 185 7.13 8.21 -5.54
CA LEU A 185 6.23 7.56 -4.57
C LEU A 185 7.01 7.45 -3.25
N VAL A 186 6.50 8.15 -2.20
CA VAL A 186 7.17 8.21 -0.93
C VAL A 186 6.38 7.68 0.26
N LYS A 187 7.00 6.75 1.01
CA LYS A 187 6.43 6.15 2.24
C LYS A 187 6.88 6.99 3.44
N ASN A 188 5.94 7.48 4.21
CA ASN A 188 6.23 8.24 5.42
C ASN A 188 6.08 7.30 6.68
N SER A 189 6.41 7.84 7.89
CA SER A 189 6.30 7.12 9.13
C SER A 189 5.43 7.89 10.09
N TRP A 190 4.34 8.49 9.61
CA TRP A 190 3.41 9.23 10.46
C TRP A 190 2.08 8.44 10.56
N GLY A 191 2.10 7.13 10.35
CA GLY A 191 0.85 6.35 10.41
C GLY A 191 0.10 6.32 9.09
N PRO A 192 -0.80 5.31 8.89
CA PRO A 192 -1.60 5.20 7.65
C PRO A 192 -2.66 6.27 7.54
N GLU A 193 -3.00 6.92 8.62
CA GLU A 193 -4.01 7.94 8.58
C GLU A 193 -3.44 9.24 8.01
N TRP A 194 -2.15 9.42 8.02
CA TRP A 194 -1.59 10.65 7.53
C TRP A 194 -1.52 10.57 5.95
N GLY A 195 -1.67 11.71 5.22
CA GLY A 195 -1.45 11.55 3.79
C GLY A 195 -2.39 10.60 3.06
N SER A 196 -1.98 9.94 1.98
CA SER A 196 -2.78 9.02 1.19
C SER A 196 -2.37 7.63 1.67
N ASN A 197 -3.05 7.09 2.72
CA ASN A 197 -2.71 5.81 3.30
C ASN A 197 -1.26 5.78 3.78
N GLY A 198 -0.73 6.94 4.24
CA GLY A 198 0.64 6.93 4.75
C GLY A 198 1.68 7.32 3.72
N TYR A 199 1.27 7.49 2.44
CA TYR A 199 2.09 7.84 1.28
C TYR A 199 1.84 9.21 0.75
N VAL A 200 2.82 9.69 -0.06
CA VAL A 200 2.71 10.99 -0.76
C VAL A 200 3.41 10.92 -2.13
N LYS A 201 2.85 11.66 -3.09
CA LYS A 201 3.42 11.77 -4.42
C LYS A 201 4.18 13.09 -4.39
N ILE A 202 5.50 13.10 -4.53
CA ILE A 202 6.31 14.33 -4.55
C ILE A 202 6.71 14.62 -5.97
N ALA A 203 6.61 15.93 -6.36
CA ALA A 203 6.93 16.32 -7.73
C ALA A 203 8.34 15.82 -8.12
N LYS A 204 8.46 15.18 -9.33
CA LYS A 204 9.71 14.61 -9.84
C LYS A 204 10.15 15.42 -11.11
N ASP A 205 11.52 15.59 -11.19
N ASP A 205 11.51 15.62 -11.16
CA ASP A 205 12.28 16.34 -12.19
CA ASP A 205 12.14 16.41 -12.23
C ASP A 205 11.71 17.79 -12.28
C ASP A 205 11.67 17.85 -12.23
N LYS A 206 11.48 18.38 -11.05
CA LYS A 206 11.10 19.78 -10.80
C LYS A 206 12.17 20.38 -9.88
N ASN A 207 13.41 20.30 -10.34
CA ASN A 207 14.58 20.81 -9.65
C ASN A 207 14.78 20.29 -8.28
N ASN A 208 14.80 18.95 -8.16
CA ASN A 208 15.09 18.26 -6.88
C ASN A 208 14.18 18.77 -5.76
N HIS A 209 12.88 18.71 -6.01
CA HIS A 209 11.90 19.27 -5.07
C HIS A 209 11.97 18.67 -3.67
N CYS A 210 12.04 19.56 -2.67
CA CYS A 210 12.15 19.21 -1.24
C CYS A 210 13.39 18.41 -0.92
N GLY A 211 14.40 18.37 -1.83
CA GLY A 211 15.63 17.67 -1.48
C GLY A 211 15.67 16.17 -1.61
N ILE A 212 14.69 15.60 -2.32
N ILE A 212 14.69 15.57 -2.35
CA ILE A 212 14.63 14.15 -2.37
CA ILE A 212 14.68 14.11 -2.41
C ILE A 212 15.86 13.42 -2.88
C ILE A 212 15.90 13.40 -2.91
N ALA A 213 16.68 14.00 -3.79
CA ALA A 213 17.89 13.36 -4.31
C ALA A 213 19.18 13.94 -3.68
N THR A 214 19.06 14.81 -2.67
CA THR A 214 20.22 15.45 -2.03
C THR A 214 21.08 14.51 -1.20
N ALA A 215 20.45 13.59 -0.45
CA ALA A 215 21.14 12.66 0.43
C ALA A 215 20.46 11.33 0.46
N ALA A 216 20.51 10.63 -0.64
CA ALA A 216 19.89 9.31 -0.81
C ALA A 216 20.90 8.17 -0.66
N SER A 217 20.50 7.02 -0.10
CA SER A 217 21.43 5.88 0.08
C SER A 217 20.69 4.57 0.25
N TYR A 218 21.35 3.42 0.11
CA TYR A 218 20.73 2.12 0.32
C TYR A 218 21.75 1.13 0.89
N PRO A 219 21.36 0.18 1.72
CA PRO A 219 22.26 -0.83 2.30
C PRO A 219 22.70 -1.86 1.27
N ASN A 220 23.90 -2.39 1.44
CA ASN A 220 24.42 -3.47 0.58
C ASN A 220 24.27 -4.76 1.33
N VAL A 221 23.46 -5.70 0.83
CA VAL A 221 23.25 -6.91 1.59
C VAL A 221 23.87 -8.16 0.99
N LEU B 1 -15.95 -12.30 18.10
CA LEU B 1 -15.29 -11.67 16.96
C LEU B 1 -14.63 -10.36 17.37
N PRO B 2 -13.51 -9.99 16.68
CA PRO B 2 -12.83 -8.74 16.98
C PRO B 2 -13.76 -7.52 16.80
N LYS B 3 -13.63 -6.46 17.57
CA LYS B 3 -14.44 -5.26 17.44
C LYS B 3 -14.03 -4.45 16.19
N SER B 4 -12.79 -4.72 15.71
CA SER B 4 -12.32 -4.03 14.51
C SER B 4 -11.30 -4.89 13.80
N VAL B 5 -11.25 -4.77 12.46
CA VAL B 5 -10.34 -5.54 11.62
C VAL B 5 -9.83 -4.66 10.49
N ASP B 6 -8.54 -4.75 10.18
CA ASP B 6 -8.02 -3.96 9.07
C ASP B 6 -6.90 -4.74 8.47
N TRP B 7 -7.19 -5.48 7.36
CA TRP B 7 -6.16 -6.28 6.78
C TRP B 7 -4.98 -5.51 6.16
N ARG B 8 -5.13 -4.19 5.92
CA ARG B 8 -4.05 -3.38 5.39
C ARG B 8 -2.87 -3.42 6.36
N LYS B 9 -3.16 -3.48 7.68
CA LYS B 9 -2.13 -3.48 8.72
C LYS B 9 -1.33 -4.75 8.75
N LYS B 10 -1.83 -5.84 8.12
CA LYS B 10 -1.16 -7.16 8.11
C LYS B 10 -0.49 -7.55 6.84
N GLY B 11 -0.40 -6.62 5.85
CA GLY B 11 0.28 -7.00 4.62
C GLY B 11 -0.51 -7.63 3.47
N TYR B 12 -1.83 -7.71 3.57
CA TYR B 12 -2.74 -8.36 2.61
C TYR B 12 -3.22 -7.55 1.45
N VAL B 13 -3.01 -6.20 1.49
CA VAL B 13 -3.59 -5.30 0.47
C VAL B 13 -2.59 -4.47 -0.33
N THR B 14 -2.71 -4.54 -1.68
CA THR B 14 -1.86 -3.74 -2.61
C THR B 14 -2.33 -2.30 -2.65
N PRO B 15 -1.51 -1.38 -3.25
CA PRO B 15 -1.97 0.02 -3.31
C PRO B 15 -3.33 0.21 -4.06
N VAL B 16 -4.00 1.34 -3.85
CA VAL B 16 -5.21 1.66 -4.60
C VAL B 16 -4.87 1.77 -6.12
N LYS B 17 -5.69 1.18 -6.97
CA LYS B 17 -5.58 1.16 -8.41
C LYS B 17 -6.68 2.03 -8.99
N ASN B 18 -6.64 2.23 -10.31
CA ASN B 18 -7.61 3.10 -11.04
C ASN B 18 -8.05 2.44 -12.36
N GLN B 19 -9.31 1.99 -12.40
CA GLN B 19 -9.92 1.36 -13.58
C GLN B 19 -10.09 2.33 -14.78
N LYS B 20 -10.10 3.64 -14.51
CA LYS B 20 -10.29 4.65 -15.53
C LYS B 20 -11.57 4.43 -16.28
N GLN B 21 -11.64 4.77 -17.59
CA GLN B 21 -12.90 4.66 -18.35
C GLN B 21 -13.12 3.34 -19.00
N CYS B 22 -13.30 2.33 -18.18
CA CYS B 22 -13.52 0.95 -18.53
C CYS B 22 -14.34 0.33 -17.38
N GLY B 23 -15.45 -0.41 -17.68
CA GLY B 23 -16.30 -1.06 -16.65
C GLY B 23 -15.77 -2.35 -16.12
N SER B 24 -14.54 -2.27 -15.58
CA SER B 24 -13.77 -3.40 -15.06
C SER B 24 -13.66 -3.50 -13.55
N ALA B 25 -14.58 -2.84 -12.76
CA ALA B 25 -14.42 -2.96 -11.28
C ALA B 25 -14.51 -4.40 -10.83
N TRP B 26 -15.28 -5.23 -11.55
CA TRP B 26 -15.36 -6.62 -11.20
C TRP B 26 -13.97 -7.27 -11.19
N ALA B 27 -13.08 -6.87 -12.14
CA ALA B 27 -11.76 -7.44 -12.24
C ALA B 27 -10.87 -6.93 -11.04
N PHE B 28 -11.00 -5.63 -10.68
CA PHE B 28 -10.26 -5.14 -9.53
C PHE B 28 -10.66 -5.74 -8.19
N SER B 29 -11.97 -6.01 -8.03
CA SER B 29 -12.45 -6.63 -6.81
C SER B 29 -11.90 -8.06 -6.71
N ALA B 30 -11.90 -8.79 -7.85
CA ALA B 30 -11.40 -10.17 -7.89
C ALA B 30 -9.90 -10.22 -7.64
N THR B 31 -9.08 -9.35 -8.29
CA THR B 31 -7.63 -9.37 -8.04
C THR B 31 -7.34 -8.97 -6.59
N GLY B 32 -8.14 -8.06 -6.03
CA GLY B 32 -7.92 -7.71 -4.64
C GLY B 32 -8.10 -8.90 -3.69
N ALA B 33 -9.21 -9.66 -3.87
CA ALA B 33 -9.44 -10.81 -3.02
C ALA B 33 -8.37 -11.89 -3.24
N LEU B 34 -7.98 -12.14 -4.50
CA LEU B 34 -6.96 -13.14 -4.81
C LEU B 34 -5.55 -12.72 -4.22
N GLU B 35 -5.25 -11.38 -4.24
CA GLU B 35 -3.99 -10.88 -3.71
C GLU B 35 -3.90 -11.22 -2.22
N GLY B 36 -5.03 -11.05 -1.53
CA GLY B 36 -5.13 -11.36 -0.13
C GLY B 36 -4.90 -12.81 0.21
N GLN B 37 -5.54 -13.69 -0.54
CA GLN B 37 -5.43 -15.12 -0.32
C GLN B 37 -4.06 -15.67 -0.70
N MET B 38 -3.45 -15.18 -1.79
CA MET B 38 -2.11 -15.63 -2.17
C MET B 38 -1.14 -15.16 -1.08
N PHE B 39 -1.31 -13.97 -0.54
CA PHE B 39 -0.42 -13.50 0.52
C PHE B 39 -0.46 -14.43 1.72
N ARG B 40 -1.69 -14.79 2.14
CA ARG B 40 -1.86 -15.65 3.29
C ARG B 40 -1.18 -16.98 3.06
N LYS B 41 -1.22 -17.47 1.82
CA LYS B 41 -0.58 -18.75 1.50
C LYS B 41 0.95 -18.70 1.35
N THR B 42 1.53 -17.60 0.87
CA THR B 42 2.96 -17.58 0.59
C THR B 42 3.79 -16.54 1.29
N GLY B 43 3.19 -15.52 1.83
CA GLY B 43 4.02 -14.50 2.42
C GLY B 43 4.40 -13.41 1.47
N LYS B 44 4.03 -13.52 0.21
CA LYS B 44 4.41 -12.51 -0.78
C LYS B 44 3.21 -11.79 -1.34
N LEU B 45 3.25 -10.48 -1.27
CA LEU B 45 2.17 -9.62 -1.76
C LEU B 45 2.53 -9.20 -3.17
N VAL B 46 1.83 -9.77 -4.19
CA VAL B 46 2.15 -9.47 -5.59
C VAL B 46 0.92 -9.00 -6.32
N SER B 47 0.99 -7.82 -6.93
CA SER B 47 -0.15 -7.29 -7.68
C SER B 47 -0.49 -8.14 -8.89
N LEU B 48 -1.79 -8.44 -9.04
CA LEU B 48 -2.28 -9.25 -10.12
C LEU B 48 -2.86 -8.46 -11.27
N SER B 49 -2.93 -9.10 -12.44
CA SER B 49 -3.36 -8.44 -13.65
C SER B 49 -4.84 -8.31 -13.96
N GLU B 50 -5.42 -7.13 -13.76
CA GLU B 50 -6.82 -6.95 -14.17
C GLU B 50 -6.95 -7.08 -15.71
N GLN B 51 -5.90 -6.66 -16.47
CA GLN B 51 -5.99 -6.69 -17.93
C GLN B 51 -6.11 -8.10 -18.41
N ASN B 52 -5.41 -9.04 -17.74
CA ASN B 52 -5.49 -10.47 -18.09
C ASN B 52 -6.96 -10.93 -17.94
N LEU B 53 -7.63 -10.47 -16.88
CA LEU B 53 -9.03 -10.80 -16.64
C LEU B 53 -9.93 -10.17 -17.70
N VAL B 54 -9.73 -8.87 -18.01
CA VAL B 54 -10.57 -8.20 -19.03
C VAL B 54 -10.44 -8.86 -20.41
N ASP B 55 -9.21 -9.09 -20.84
CA ASP B 55 -8.99 -9.65 -22.17
C ASP B 55 -9.32 -11.11 -22.39
N CYS B 56 -9.19 -11.92 -21.34
CA CYS B 56 -9.32 -13.37 -21.46
C CYS B 56 -10.51 -14.11 -20.88
N SER B 57 -11.40 -13.46 -20.11
CA SER B 57 -12.50 -14.22 -19.50
C SER B 57 -13.86 -14.17 -20.10
N ARG B 58 -13.95 -13.78 -21.38
CA ARG B 58 -15.22 -13.81 -22.09
C ARG B 58 -15.76 -15.28 -22.10
N PRO B 59 -14.95 -16.37 -22.28
CA PRO B 59 -15.61 -17.69 -22.24
C PRO B 59 -16.44 -18.00 -20.97
N GLN B 60 -16.05 -17.46 -19.77
CA GLN B 60 -16.72 -17.63 -18.50
C GLN B 60 -17.87 -16.72 -18.31
N GLY B 61 -18.21 -15.85 -19.29
CA GLY B 61 -19.37 -15.00 -19.05
C GLY B 61 -19.12 -13.51 -18.83
N ASN B 62 -17.80 -13.13 -18.71
CA ASN B 62 -17.48 -11.69 -18.52
C ASN B 62 -17.50 -10.93 -19.77
N GLN B 63 -17.66 -9.62 -19.69
CA GLN B 63 -17.72 -8.79 -20.85
C GLN B 63 -16.70 -7.64 -20.89
N GLY B 64 -15.47 -7.87 -20.36
CA GLY B 64 -14.45 -6.83 -20.47
C GLY B 64 -14.82 -5.52 -19.84
N CYS B 65 -14.65 -4.44 -20.61
CA CYS B 65 -14.98 -3.08 -20.16
C CYS B 65 -16.52 -2.86 -20.05
N ASN B 66 -17.32 -3.86 -20.55
N ASN B 66 -17.31 -3.83 -20.56
CA ASN B 66 -18.79 -3.75 -20.45
CA ASN B 66 -18.77 -3.69 -20.48
C ASN B 66 -19.33 -4.47 -19.25
C ASN B 66 -19.35 -4.34 -19.24
N GLY B 67 -18.46 -4.83 -18.27
CA GLY B 67 -19.01 -5.53 -17.10
C GLY B 67 -18.68 -6.97 -16.90
N GLY B 68 -18.90 -7.41 -15.71
CA GLY B 68 -18.54 -8.74 -15.31
C GLY B 68 -18.95 -9.01 -13.87
N PHE B 69 -18.47 -10.22 -13.47
CA PHE B 69 -18.66 -10.73 -12.14
C PHE B 69 -17.42 -11.33 -11.54
N MET B 70 -17.22 -11.03 -10.25
CA MET B 70 -16.07 -11.56 -9.52
C MET B 70 -16.02 -13.07 -9.55
N ALA B 71 -17.18 -13.70 -9.39
CA ALA B 71 -17.21 -15.14 -9.40
C ALA B 71 -16.77 -15.74 -10.71
N ARG B 72 -17.11 -15.07 -11.83
CA ARG B 72 -16.71 -15.56 -13.14
C ARG B 72 -15.21 -15.40 -13.33
N ALA B 73 -14.64 -14.41 -12.62
CA ALA B 73 -13.22 -14.19 -12.66
C ALA B 73 -12.51 -15.32 -11.92
N PHE B 74 -13.05 -15.71 -10.72
CA PHE B 74 -12.42 -16.83 -10.03
C PHE B 74 -12.53 -18.12 -10.83
N GLN B 75 -13.64 -18.25 -11.60
N GLN B 75 -13.63 -18.23 -11.62
CA GLN B 75 -13.85 -19.45 -12.44
CA GLN B 75 -13.84 -19.40 -12.45
C GLN B 75 -12.81 -19.50 -13.53
C GLN B 75 -12.80 -19.49 -13.53
N TYR B 76 -12.52 -18.33 -14.15
CA TYR B 76 -11.51 -18.28 -15.17
C TYR B 76 -10.15 -18.69 -14.67
N VAL B 77 -9.76 -18.17 -13.49
CA VAL B 77 -8.45 -18.53 -12.96
C VAL B 77 -8.34 -20.04 -12.78
N LYS B 78 -9.40 -20.70 -12.24
CA LYS B 78 -9.42 -22.15 -12.05
C LYS B 78 -9.32 -22.91 -13.37
N GLU B 79 -10.18 -22.54 -14.36
CA GLU B 79 -10.13 -23.21 -15.67
C GLU B 79 -8.88 -22.99 -16.48
N ASN B 80 -8.28 -21.79 -16.31
CA ASN B 80 -7.08 -21.44 -17.02
C ASN B 80 -5.82 -22.00 -16.42
N GLY B 81 -5.86 -22.28 -15.11
CA GLY B 81 -4.62 -22.77 -14.53
C GLY B 81 -3.70 -21.73 -13.93
N GLY B 82 -4.12 -20.47 -13.97
CA GLY B 82 -3.21 -19.40 -13.56
C GLY B 82 -3.76 -18.02 -13.85
N LEU B 83 -3.01 -17.01 -13.40
CA LEU B 83 -3.30 -15.58 -13.60
C LEU B 83 -1.96 -14.84 -13.55
N ASP B 84 -1.66 -14.03 -14.60
CA ASP B 84 -0.41 -13.27 -14.66
C ASP B 84 -0.33 -12.09 -13.72
N SER B 85 0.90 -11.72 -13.39
CA SER B 85 1.22 -10.57 -12.54
C SER B 85 0.89 -9.27 -13.30
N GLU B 86 0.58 -8.19 -12.53
CA GLU B 86 0.39 -6.88 -13.16
C GLU B 86 1.68 -6.42 -13.87
N GLU B 87 2.85 -6.70 -13.29
CA GLU B 87 4.10 -6.31 -13.90
C GLU B 87 4.25 -6.89 -15.29
N SER B 88 3.93 -8.18 -15.47
CA SER B 88 4.06 -8.86 -16.79
C SER B 88 2.99 -8.47 -17.80
N TYR B 89 1.79 -8.11 -17.30
CA TYR B 89 0.58 -7.88 -18.12
C TYR B 89 -0.08 -6.61 -17.65
N PRO B 90 0.43 -5.44 -18.06
CA PRO B 90 -0.10 -4.13 -17.61
C PRO B 90 -1.48 -3.70 -17.99
N TYR B 91 -2.08 -2.84 -17.15
CA TYR B 91 -3.43 -2.31 -17.36
C TYR B 91 -3.51 -1.11 -18.26
N VAL B 92 -4.35 -1.21 -19.35
CA VAL B 92 -4.52 -0.09 -20.30
C VAL B 92 -5.94 0.43 -20.43
N ALA B 93 -6.88 -0.10 -19.59
CA ALA B 93 -8.29 0.36 -19.55
C ALA B 93 -9.06 0.27 -20.87
N VAL B 94 -8.80 -0.74 -21.68
CA VAL B 94 -9.55 -0.99 -22.94
C VAL B 94 -9.61 -2.49 -23.11
N ASP B 95 -10.55 -2.97 -23.93
CA ASP B 95 -10.67 -4.40 -24.20
C ASP B 95 -9.59 -4.77 -25.25
N GLU B 96 -8.74 -5.77 -24.99
CA GLU B 96 -7.70 -6.17 -25.93
C GLU B 96 -7.68 -7.68 -26.10
N ILE B 97 -6.86 -8.18 -27.05
CA ILE B 97 -6.70 -9.61 -27.32
C ILE B 97 -5.96 -10.27 -26.16
N CYS B 98 -6.42 -11.45 -25.80
CA CYS B 98 -5.80 -12.17 -24.70
C CYS B 98 -4.33 -12.46 -24.98
N LYS B 99 -3.44 -12.13 -23.98
CA LYS B 99 -1.99 -12.30 -24.05
C LYS B 99 -1.45 -13.19 -22.90
N TYR B 100 -2.32 -14.04 -22.27
CA TYR B 100 -1.87 -14.84 -21.14
C TYR B 100 -0.73 -15.80 -21.43
N ARG B 101 0.26 -15.85 -20.53
CA ARG B 101 1.38 -16.81 -20.61
C ARG B 101 1.54 -17.58 -19.31
N PRO B 102 1.57 -18.95 -19.30
CA PRO B 102 1.74 -19.65 -18.03
C PRO B 102 3.04 -19.28 -17.31
N GLU B 103 4.11 -18.93 -18.09
CA GLU B 103 5.41 -18.59 -17.53
C GLU B 103 5.35 -17.36 -16.64
N ASN B 104 4.32 -16.53 -16.87
CA ASN B 104 4.15 -15.30 -16.04
C ASN B 104 3.13 -15.39 -14.93
N SER B 105 2.52 -16.58 -14.73
CA SER B 105 1.52 -16.77 -13.68
C SER B 105 2.11 -16.72 -12.28
N VAL B 106 1.39 -16.10 -11.35
CA VAL B 106 1.77 -16.00 -9.95
C VAL B 106 0.60 -16.32 -9.03
N ALA B 107 -0.51 -16.79 -9.58
CA ALA B 107 -1.64 -17.10 -8.75
C ALA B 107 -2.47 -18.23 -9.34
N GLN B 108 -3.16 -18.97 -8.45
CA GLN B 108 -4.07 -20.06 -8.82
C GLN B 108 -5.23 -20.10 -7.83
N ASP B 109 -6.36 -20.67 -8.26
CA ASP B 109 -7.48 -20.87 -7.36
C ASP B 109 -8.23 -22.14 -7.86
N THR B 110 -8.92 -22.78 -6.91
CA THR B 110 -9.69 -24.01 -7.19
C THR B 110 -11.18 -23.82 -7.23
N GLY B 111 -11.64 -22.56 -7.22
CA GLY B 111 -13.06 -22.30 -7.04
C GLY B 111 -13.25 -21.09 -6.14
N PHE B 112 -14.39 -20.92 -5.60
CA PHE B 112 -14.70 -19.80 -4.73
C PHE B 112 -15.79 -20.18 -3.75
N THR B 113 -15.88 -19.40 -2.69
CA THR B 113 -16.85 -19.56 -1.63
C THR B 113 -17.78 -18.35 -1.51
N VAL B 114 -19.09 -18.57 -1.47
CA VAL B 114 -20.07 -17.53 -1.27
C VAL B 114 -20.46 -17.34 0.19
N VAL B 115 -20.55 -16.11 0.64
CA VAL B 115 -20.96 -15.76 1.98
C VAL B 115 -22.46 -15.78 2.01
N ALA B 116 -23.07 -16.22 3.13
CA ALA B 116 -24.53 -16.24 3.19
C ALA B 116 -25.15 -14.92 2.68
N PRO B 117 -25.97 -14.96 1.59
CA PRO B 117 -26.56 -13.73 1.09
C PRO B 117 -27.41 -12.87 2.05
N GLY B 118 -27.18 -11.55 2.10
CA GLY B 118 -27.96 -10.67 2.95
C GLY B 118 -27.53 -10.56 4.40
N LYS B 119 -26.54 -11.40 4.76
CA LYS B 119 -26.20 -11.44 6.19
C LYS B 119 -24.97 -10.67 6.60
N GLU B 120 -25.14 -9.51 7.22
CA GLU B 120 -23.98 -8.70 7.64
C GLU B 120 -23.20 -9.40 8.74
N LYS B 121 -23.83 -10.31 9.51
CA LYS B 121 -23.05 -10.92 10.56
C LYS B 121 -22.23 -11.99 9.93
N ALA B 122 -22.74 -12.67 8.92
CA ALA B 122 -21.97 -13.65 8.20
C ALA B 122 -20.75 -13.00 7.48
N LEU B 123 -20.96 -11.80 6.91
CA LEU B 123 -19.86 -11.09 6.23
C LEU B 123 -18.79 -10.67 7.27
N MET B 124 -19.25 -10.25 8.46
CA MET B 124 -18.31 -9.88 9.52
C MET B 124 -17.45 -11.09 9.92
N LYS B 125 -18.05 -12.33 10.01
CA LYS B 125 -17.30 -13.51 10.32
C LYS B 125 -16.32 -13.84 9.24
N ALA B 126 -16.74 -13.71 7.96
CA ALA B 126 -15.83 -13.99 6.86
C ALA B 126 -14.62 -12.98 6.79
N VAL B 127 -14.89 -11.68 6.99
CA VAL B 127 -13.81 -10.66 6.98
C VAL B 127 -12.81 -10.95 8.10
N ALA B 128 -13.30 -11.33 9.29
CA ALA B 128 -12.42 -11.60 10.42
C ALA B 128 -11.59 -12.86 10.36
N THR B 129 -12.05 -13.89 9.61
CA THR B 129 -11.34 -15.16 9.54
C THR B 129 -10.65 -15.49 8.29
N VAL B 130 -11.03 -14.86 7.17
CA VAL B 130 -10.44 -15.15 5.90
C VAL B 130 -9.41 -14.16 5.33
N GLY B 131 -9.73 -12.85 5.41
CA GLY B 131 -8.96 -11.83 4.73
C GLY B 131 -9.93 -10.95 3.99
N PRO B 132 -9.43 -10.11 3.03
CA PRO B 132 -10.33 -9.22 2.23
C PRO B 132 -11.41 -10.01 1.42
N ILE B 133 -12.62 -9.47 1.30
CA ILE B 133 -13.73 -10.15 0.64
C ILE B 133 -14.26 -9.35 -0.53
N SER B 134 -14.50 -10.02 -1.66
CA SER B 134 -15.11 -9.33 -2.81
C SER B 134 -16.59 -9.04 -2.59
N VAL B 135 -17.08 -7.86 -2.86
CA VAL B 135 -18.51 -7.57 -2.67
C VAL B 135 -19.04 -6.68 -3.78
N ALA B 136 -20.34 -6.76 -4.02
CA ALA B 136 -21.08 -5.96 -4.97
C ALA B 136 -21.78 -4.83 -4.21
N MET B 137 -21.97 -3.65 -4.72
CA MET B 137 -22.69 -2.58 -4.04
C MET B 137 -23.44 -1.75 -5.07
N ASP B 138 -24.31 -0.88 -4.56
CA ASP B 138 -25.03 0.08 -5.37
C ASP B 138 -24.24 1.38 -5.21
N ALA B 139 -23.46 1.73 -6.26
CA ALA B 139 -22.61 2.92 -6.35
C ALA B 139 -23.26 3.98 -7.22
N GLY B 140 -24.53 3.71 -7.62
CA GLY B 140 -25.32 4.56 -8.52
C GLY B 140 -25.83 5.91 -8.04
N HIS B 141 -25.04 6.69 -7.25
CA HIS B 141 -25.52 7.95 -6.72
C HIS B 141 -24.45 9.02 -6.70
N SER B 142 -24.83 10.27 -6.96
CA SER B 142 -23.85 11.36 -6.97
C SER B 142 -23.11 11.50 -5.64
N SER B 143 -23.79 11.18 -4.52
CA SER B 143 -23.12 11.26 -3.22
C SER B 143 -21.94 10.29 -3.14
N PHE B 144 -21.99 9.16 -3.84
CA PHE B 144 -20.86 8.27 -3.84
C PHE B 144 -19.74 8.85 -4.72
N GLN B 145 -20.06 9.41 -5.90
CA GLN B 145 -19.03 9.96 -6.74
C GLN B 145 -18.24 11.09 -6.03
N PHE B 146 -18.95 11.89 -5.24
CA PHE B 146 -18.35 12.99 -4.53
C PHE B 146 -17.97 12.78 -3.10
N TYR B 147 -17.99 11.53 -2.66
CA TYR B 147 -17.64 11.19 -1.29
C TYR B 147 -16.18 11.58 -0.96
N LYS B 148 -15.96 12.13 0.24
CA LYS B 148 -14.59 12.48 0.68
C LYS B 148 -14.20 11.88 1.99
N SER B 149 -15.09 11.86 2.99
CA SER B 149 -14.73 11.32 4.27
C SER B 149 -15.92 11.02 5.12
N GLY B 150 -15.66 10.33 6.23
CA GLY B 150 -16.77 9.98 7.10
C GLY B 150 -17.43 8.68 6.76
N ILE B 151 -18.50 8.39 7.51
CA ILE B 151 -19.30 7.19 7.25
C ILE B 151 -20.32 7.49 6.17
N TYR B 152 -20.25 6.79 5.05
CA TYR B 152 -21.17 6.94 3.93
C TYR B 152 -22.55 6.30 4.18
N PHE B 153 -23.58 7.13 4.06
CA PHE B 153 -24.96 6.72 4.18
C PHE B 153 -25.77 7.53 3.18
N GLU B 154 -26.38 6.84 2.23
CA GLU B 154 -27.22 7.39 1.21
C GLU B 154 -28.65 6.85 1.32
N PRO B 155 -29.59 7.75 1.64
CA PRO B 155 -30.97 7.25 1.75
C PRO B 155 -31.54 6.50 0.55
N ASP B 156 -31.11 6.84 -0.66
CA ASP B 156 -31.65 6.16 -1.83
C ASP B 156 -30.91 4.90 -2.21
N CYS B 157 -29.88 4.54 -1.39
CA CYS B 157 -29.11 3.35 -1.73
C CYS B 157 -29.92 2.07 -1.72
N SER B 158 -29.69 1.17 -2.67
CA SER B 158 -30.39 -0.13 -2.80
C SER B 158 -29.60 -1.32 -2.28
N SER B 159 -30.25 -2.23 -1.51
CA SER B 159 -29.57 -3.41 -1.02
C SER B 159 -29.66 -4.53 -2.04
N LYS B 160 -30.44 -4.34 -3.15
CA LYS B 160 -30.60 -5.43 -4.13
C LYS B 160 -30.19 -5.13 -5.57
N ASN B 161 -30.33 -3.87 -5.96
CA ASN B 161 -29.98 -3.43 -7.31
C ASN B 161 -28.57 -2.87 -7.25
N LEU B 162 -27.60 -3.76 -7.56
CA LEU B 162 -26.17 -3.46 -7.47
C LEU B 162 -25.50 -3.28 -8.83
N ASP B 163 -24.47 -2.45 -8.88
CA ASP B 163 -23.80 -2.13 -10.14
C ASP B 163 -22.30 -2.00 -10.07
N HIS B 164 -21.68 -2.26 -8.92
CA HIS B 164 -20.23 -2.04 -8.86
C HIS B 164 -19.53 -3.02 -7.96
N GLY B 165 -18.37 -3.57 -8.32
CA GLY B 165 -17.56 -4.46 -7.49
C GLY B 165 -16.56 -3.72 -6.66
N VAL B 166 -16.41 -4.01 -5.37
CA VAL B 166 -15.42 -3.36 -4.50
C VAL B 166 -14.83 -4.44 -3.58
N LEU B 167 -13.96 -4.06 -2.64
CA LEU B 167 -13.26 -5.01 -1.76
C LEU B 167 -13.40 -4.59 -0.29
N VAL B 168 -13.97 -5.47 0.57
CA VAL B 168 -14.06 -5.13 1.99
C VAL B 168 -12.75 -5.65 2.61
N VAL B 169 -11.91 -4.73 3.16
CA VAL B 169 -10.63 -5.07 3.79
C VAL B 169 -10.70 -5.05 5.31
N GLY B 170 -11.89 -4.81 5.89
CA GLY B 170 -12.00 -4.64 7.35
C GLY B 170 -13.29 -4.05 7.77
N TYR B 171 -13.40 -3.74 9.05
CA TYR B 171 -14.57 -3.08 9.63
C TYR B 171 -14.17 -2.36 10.93
N GLY B 172 -14.99 -1.47 11.37
CA GLY B 172 -14.60 -0.68 12.53
C GLY B 172 -15.75 0.10 13.10
N PHE B 173 -15.40 1.16 13.85
CA PHE B 173 -16.39 2.03 14.48
C PHE B 173 -15.75 3.35 14.82
N GLU B 174 -16.56 4.42 14.88
N GLU B 174 -16.56 4.40 14.87
CA GLU B 174 -16.07 5.75 15.24
CA GLU B 174 -16.07 5.72 15.24
C GLU B 174 -16.38 5.98 16.68
C GLU B 174 -16.36 5.93 16.69
N GLY B 175 -15.59 6.77 17.41
CA GLY B 175 -15.98 6.93 18.81
C GLY B 175 -15.41 5.90 19.77
N ALA B 176 -15.84 6.00 21.04
CA ALA B 176 -15.41 5.04 22.04
C ALA B 176 -16.29 3.78 22.10
N ASN B 177 -17.55 3.85 21.61
CA ASN B 177 -18.44 2.69 21.67
C ASN B 177 -18.34 1.82 20.45
N SER B 178 -17.96 0.56 20.63
CA SER B 178 -17.80 -0.37 19.50
C SER B 178 -19.09 -0.85 18.87
N GLN B 179 -20.21 -0.54 19.50
CA GLN B 179 -21.52 -0.97 19.01
C GLN B 179 -22.33 0.09 18.28
N ASN B 180 -21.76 1.29 18.04
CA ASN B 180 -22.53 2.27 17.23
C ASN B 180 -21.59 2.93 16.30
N SER B 181 -22.09 3.67 15.29
CA SER B 181 -21.20 4.32 14.29
C SER B 181 -20.25 3.32 13.65
N LYS B 182 -20.79 2.16 13.37
CA LYS B 182 -20.06 1.08 12.77
C LYS B 182 -19.92 1.27 11.26
N TYR B 183 -18.83 0.72 10.71
CA TYR B 183 -18.61 0.80 9.28
C TYR B 183 -17.82 -0.33 8.75
N TRP B 184 -18.00 -0.52 7.41
CA TRP B 184 -17.24 -1.46 6.60
C TRP B 184 -16.07 -0.67 5.92
N LEU B 185 -14.87 -1.22 5.92
N LEU B 185 -14.86 -1.22 5.97
CA LEU B 185 -13.68 -0.61 5.32
CA LEU B 185 -13.71 -0.56 5.35
C LEU B 185 -13.62 -1.10 3.89
C LEU B 185 -13.64 -1.09 3.92
N VAL B 186 -13.89 -0.21 2.91
CA VAL B 186 -13.93 -0.59 1.50
C VAL B 186 -12.91 0.04 0.58
N LYS B 187 -12.18 -0.82 -0.12
CA LYS B 187 -11.19 -0.42 -1.14
C LYS B 187 -11.92 -0.26 -2.47
N ASN B 188 -11.89 0.95 -3.02
CA ASN B 188 -12.48 1.22 -4.35
C ASN B 188 -11.34 1.13 -5.46
N SER B 189 -11.70 1.24 -6.76
CA SER B 189 -10.74 1.20 -7.83
C SER B 189 -10.88 2.44 -8.68
N TRP B 190 -11.04 3.61 -8.08
CA TRP B 190 -11.17 4.89 -8.77
C TRP B 190 -9.96 5.79 -8.49
N GLY B 191 -8.80 5.17 -8.07
CA GLY B 191 -7.63 5.98 -7.80
C GLY B 191 -7.58 6.48 -6.37
N PRO B 192 -6.41 6.92 -5.88
CA PRO B 192 -6.26 7.43 -4.50
C PRO B 192 -6.82 8.83 -4.22
N GLU B 193 -7.19 9.61 -5.23
CA GLU B 193 -7.76 10.94 -4.95
C GLU B 193 -9.24 10.82 -4.53
N TRP B 194 -9.91 9.89 -5.20
CA TRP B 194 -11.34 9.70 -4.90
C TRP B 194 -11.48 9.22 -3.43
N GLY B 195 -12.48 9.79 -2.68
CA GLY B 195 -12.64 9.32 -1.33
C GLY B 195 -11.49 9.71 -0.43
N SER B 196 -10.68 10.76 -0.78
CA SER B 196 -9.43 11.23 -0.04
C SER B 196 -8.24 10.28 -0.10
N ASN B 197 -8.51 8.97 0.06
N ASN B 197 -8.53 8.95 0.07
CA ASN B 197 -7.40 8.04 -0.04
CA ASN B 197 -7.41 8.02 -0.03
C ASN B 197 -7.78 6.86 -0.83
C ASN B 197 -7.77 6.79 -0.80
N GLY B 198 -8.89 6.88 -1.60
CA GLY B 198 -9.25 5.67 -2.37
C GLY B 198 -10.17 4.66 -1.70
N TYR B 199 -10.44 4.87 -0.41
CA TYR B 199 -11.25 3.99 0.47
C TYR B 199 -12.47 4.71 0.91
N VAL B 200 -13.50 3.93 1.30
CA VAL B 200 -14.77 4.46 1.82
C VAL B 200 -15.22 3.64 3.03
N LYS B 201 -15.78 4.34 4.00
CA LYS B 201 -16.34 3.70 5.19
C LYS B 201 -17.86 3.62 4.94
N ILE B 202 -18.36 2.47 4.64
CA ILE B 202 -19.81 2.37 4.43
C ILE B 202 -20.56 1.99 5.72
N ALA B 203 -21.75 2.57 5.96
CA ALA B 203 -22.47 2.25 7.19
C ALA B 203 -22.67 0.75 7.33
N LYS B 204 -22.33 0.20 8.54
CA LYS B 204 -22.43 -1.22 8.87
C LYS B 204 -23.56 -1.51 9.89
N ASP B 205 -24.25 -2.63 9.68
CA ASP B 205 -25.40 -3.05 10.51
C ASP B 205 -26.53 -2.01 10.49
N LYS B 206 -26.76 -1.44 9.30
CA LYS B 206 -27.82 -0.49 9.02
C LYS B 206 -28.60 -1.04 7.86
N ASN B 207 -29.18 -2.24 8.04
CA ASN B 207 -29.98 -2.90 7.02
C ASN B 207 -29.26 -3.14 5.73
N ASN B 208 -28.03 -3.70 5.81
CA ASN B 208 -27.24 -4.07 4.63
C ASN B 208 -27.15 -2.90 3.63
N HIS B 209 -26.67 -1.77 4.14
CA HIS B 209 -26.60 -0.57 3.32
C HIS B 209 -25.80 -0.69 2.04
N CYS B 210 -26.44 -0.28 0.91
CA CYS B 210 -25.90 -0.30 -0.46
C CYS B 210 -25.63 -1.72 -0.90
N GLY B 211 -26.17 -2.75 -0.15
CA GLY B 211 -26.01 -4.13 -0.60
C GLY B 211 -24.70 -4.86 -0.38
N ILE B 212 -23.88 -4.33 0.56
N ILE B 212 -23.81 -4.33 0.56
CA ILE B 212 -22.56 -4.90 0.79
CA ILE B 212 -22.51 -4.97 0.73
C ILE B 212 -22.50 -6.37 1.10
C ILE B 212 -22.47 -6.45 1.06
N ALA B 213 -23.50 -6.90 1.80
CA ALA B 213 -23.55 -8.31 2.12
C ALA B 213 -24.41 -9.14 1.21
N THR B 214 -25.00 -8.53 0.19
CA THR B 214 -25.90 -9.28 -0.72
C THR B 214 -25.24 -10.35 -1.61
N ALA B 215 -24.01 -10.08 -2.17
CA ALA B 215 -23.36 -11.04 -3.06
C ALA B 215 -21.83 -10.99 -2.87
N ALA B 216 -21.40 -11.44 -1.70
CA ALA B 216 -20.00 -11.47 -1.31
C ALA B 216 -19.36 -12.83 -1.56
N SER B 217 -18.06 -12.87 -1.95
CA SER B 217 -17.35 -14.11 -2.20
C SER B 217 -15.85 -13.98 -2.08
N TYR B 218 -15.13 -15.12 -2.01
CA TYR B 218 -13.68 -15.11 -1.96
C TYR B 218 -13.12 -16.30 -2.64
N PRO B 219 -11.98 -16.25 -3.29
CA PRO B 219 -11.36 -17.41 -3.98
C PRO B 219 -10.78 -18.45 -3.03
N ASN B 220 -10.75 -19.74 -3.44
CA ASN B 220 -10.16 -20.79 -2.64
C ASN B 220 -8.78 -21.10 -3.16
N VAL B 221 -7.69 -20.86 -2.35
CA VAL B 221 -6.35 -21.10 -2.85
C VAL B 221 -5.63 -22.32 -2.29
C ACE C 1 20.50 17.97 11.16
O ACE C 1 20.36 17.53 10.03
CH3 ACE C 1 20.90 19.43 11.35
H1 ACE C 1 20.17 19.92 11.92
H2 ACE C 1 21.83 19.46 11.85
H3 ACE C 1 20.99 19.89 10.42
N LEU C 2 20.28 17.24 12.25
CA LEU C 2 19.86 15.86 12.23
C LEU C 2 18.50 15.67 11.58
N LEU C 3 18.22 14.51 10.99
CA LEU C 3 16.91 14.26 10.43
C LEU C 3 16.04 13.71 11.52
N LYS C 4 14.79 14.16 11.62
CA LYS C 4 13.88 13.68 12.64
C LYS C 4 12.64 13.13 12.10
N ALA D 5 11.21 14.73 11.04
CA ALA D 5 10.27 15.49 11.61
C ALA D 5 9.17 14.68 12.16
N VAL D 6 8.53 15.24 13.12
CA VAL D 6 7.40 14.62 13.84
C VAL D 6 6.06 15.22 13.45
N ALA D 7 4.94 14.49 13.65
CA ALA D 7 3.57 14.97 13.37
C ALA D 7 2.46 13.91 13.54
N GLU D 8 2.90 12.64 13.71
CA GLU D 8 2.22 11.34 13.90
C GLU D 8 0.73 11.11 13.54
N LYS D 9 -0.04 10.40 14.42
CA LYS D 9 -1.46 10.08 14.19
C LYS D 9 -1.66 9.00 13.12
C ACE E 1 -25.47 -7.19 -13.96
O ACE E 1 -25.01 -7.36 -12.80
CH3 ACE E 1 -26.87 -7.21 -14.26
H1 ACE E 1 -27.33 -8.11 -13.96
H2 ACE E 1 -27.39 -6.41 -13.81
H3 ACE E 1 -27.05 -7.12 -15.26
N LEU E 2 -24.66 -6.94 -14.99
CA LEU E 2 -23.21 -6.90 -14.90
C LEU E 2 -22.65 -5.84 -13.96
N LEU E 3 -21.54 -6.16 -13.24
CA LEU E 3 -20.95 -5.13 -12.41
C LEU E 3 -19.90 -4.40 -13.21
N LYS E 4 -19.79 -3.09 -13.03
CA LYS E 4 -18.82 -2.28 -13.74
C LYS E 4 -18.01 -1.44 -12.83
CL CL F . 12.13 12.51 12.79
C1 MPD G . 11.21 17.19 11.71
C2 MPD G . 9.99 17.97 11.23
O2 MPD G . 9.56 17.41 9.98
CM MPD G . 8.88 17.85 12.26
C3 MPD G . 10.33 19.43 11.04
C4 MPD G . 11.24 20.10 12.08
O4 MPD G . 12.16 20.99 11.45
C5 MPD G . 10.39 20.83 13.09
C1 GOL H . 7.43 14.06 14.76
O1 GOL H . 6.83 13.85 16.04
C2 GOL H . 8.55 15.08 14.88
O2 GOL H . 8.04 16.22 15.58
C3 GOL H . 9.69 14.49 15.68
O3 GOL H . 10.54 15.50 16.18
CL CL I . -2.45 3.33 -1.76
CL CL J . 21.89 9.71 5.61
C1 GOL K . -1.05 6.81 -2.71
O1 GOL K . -0.61 5.44 -2.68
C2 GOL K . 0.04 7.78 -3.28
O2 GOL K . 0.15 7.66 -4.68
C3 GOL K . 0.03 9.19 -2.84
O3 GOL K . -1.03 9.96 -3.33
C1 MPD L . 4.41 -8.67 9.29
C2 MPD L . 4.26 -8.15 7.86
O2 MPD L . 5.35 -7.27 7.55
CM MPD L . 2.97 -7.36 7.96
C3 MPD L . 4.15 -9.28 6.78
C4 MPD L . 5.07 -10.49 6.89
O4 MPD L . 4.78 -11.15 8.10
C5 MPD L . 4.97 -11.51 5.77
C1 MPD M . 25.67 15.44 6.18
C2 MPD M . 26.19 14.84 7.49
O2 MPD M . 27.57 14.55 7.37
CM MPD M . 26.02 15.83 8.62
C3 MPD M . 25.47 13.53 7.73
C4 MPD M . 25.44 12.59 6.55
O4 MPD M . 26.62 12.78 5.79
C5 MPD M . 25.19 11.13 6.89
C1 GOL N . 1.87 -11.45 -20.48
O1 GOL N . 2.13 -12.77 -20.84
C2 GOL N . 2.06 -10.53 -21.67
O2 GOL N . 1.75 -9.17 -21.30
C3 GOL N . 3.42 -10.52 -22.32
O3 GOL N . 4.54 -10.51 -21.40
C1 MPD O . -22.31 6.10 -11.78
C2 MPD O . -20.98 5.48 -11.37
O2 MPD O . -20.97 5.22 -9.97
CM MPD O . -19.76 6.40 -11.77
C3 MPD O . -20.84 4.15 -12.10
C4 MPD O . -21.51 2.97 -11.45
O4 MPD O . -22.90 3.23 -11.28
C5 MPD O . -21.29 1.63 -12.11
C1 MPD P . -16.50 8.25 -11.98
C2 MPD P . -15.10 8.65 -11.42
O2 MPD P . -14.64 9.73 -12.27
CM MPD P . -15.00 9.06 -10.04
C3 MPD P . -14.06 7.55 -11.59
C4 MPD P . -13.62 7.04 -12.92
O4 MPD P . -12.80 8.00 -13.55
C5 MPD P . -12.65 5.96 -12.77
CL CL Q . -19.72 -12.07 -8.33
C1 MPD R . -21.77 -14.50 -5.74
C2 MPD R . -22.45 -14.56 -7.11
O2 MPD R . -23.07 -13.31 -7.38
CM MPD R . -21.46 -14.81 -8.20
C3 MPD R . -23.53 -15.64 -7.12
C4 MPD R . -23.17 -17.10 -6.95
O4 MPD R . -24.32 -17.82 -7.34
C5 MPD R . -22.02 -17.54 -7.83
C1 MPD S . -18.17 4.02 -14.13
C2 MPD S . -17.15 3.48 -15.12
O2 MPD S . -15.84 3.69 -14.60
CM MPD S . -17.37 1.99 -15.31
C3 MPD S . -17.27 4.18 -16.49
C4 MPD S . -17.12 5.69 -16.56
O4 MPD S . -16.10 6.12 -15.67
C5 MPD S . -16.82 6.17 -17.97
C1 GOL T . -10.25 -20.37 -22.00
O1 GOL T . -10.91 -19.64 -21.02
C2 GOL T . -9.88 -21.66 -21.41
O2 GOL T . -9.47 -21.34 -20.08
C3 GOL T . -11.17 -22.50 -21.35
O3 GOL T . -11.97 -22.34 -22.54
C1 GOL U . -10.31 -16.36 -25.54
O1 GOL U . -9.90 -15.02 -25.28
C2 GOL U . -9.56 -17.35 -24.66
O2 GOL U . -8.19 -17.25 -24.96
C3 GOL U . -9.79 -16.83 -23.27
O3 GOL U . -9.55 -17.76 -22.26
#